data_3U6F
#
_entry.id   3U6F
#
_cell.length_a   64.886
_cell.length_b   56.644
_cell.length_c   68.143
_cell.angle_alpha   90.00
_cell.angle_beta   107.97
_cell.angle_gamma   90.00
#
_symmetry.space_group_name_H-M   'P 1 21 1'
#
loop_
_entity.id
_entity.type
_entity.pdbx_description
1 polymer 'Three prime repair exonuclease 1'
2 polymer "5'-D(*GP*AP*CP*G)-3'"
3 non-polymer 1,4-BUTANEDIOL
4 non-polymer 'MAGNESIUM ION'
5 water water
#
loop_
_entity_poly.entity_id
_entity_poly.type
_entity_poly.pdbx_seq_one_letter_code
_entity_poly.pdbx_strand_id
1 'polypeptide(L)'
;MGSQTLPHGHMQTLIFLDLEATGLPSSRPEVTELCLLAVHRRALENTSISQGHPPPVPRPPRVVDKLSLCIAPGKACSPG
ASEITGLSKAELEVQGRQRFDDNLAILLRAFLQRQPQPCCLVAHNGDRYDFPLLQTELARLSTPSPLDGTFCVDSIAALK
ALEQASSPSGNGSRKSYSLGSIYTRLYWQAPTDSHTAEGNVLTLLSICQWKPQALLQWVDEHARPFSTVKPMYGTPATTG
TTNLRPHAATATTPLATANGSPSNGRSRRPKSPPPEKVPEAPSQEGLLAPLSLLTLLTLAIATLYGLFLASPGQ
;
B,A
2 'polydeoxyribonucleotide' (DG)(DA)(DC)(DG) C,D
#
loop_
_chem_comp.id
_chem_comp.type
_chem_comp.name
_chem_comp.formula
BU1 non-polymer 1,4-BUTANEDIOL 'C4 H10 O2'
DA DNA linking 2'-DEOXYADENOSINE-5'-MONOPHOSPHATE 'C10 H14 N5 O6 P'
DC DNA linking 2'-DEOXYCYTIDINE-5'-MONOPHOSPHATE 'C9 H14 N3 O7 P'
DG DNA linking 2'-DEOXYGUANOSINE-5'-MONOPHOSPHATE 'C10 H14 N5 O7 P'
MG non-polymer 'MAGNESIUM ION' 'Mg 2'
#
# COMPACT_ATOMS: atom_id res chain seq x y z
N PRO A 7 16.87 2.90 26.19
CA PRO A 7 15.49 3.36 26.44
C PRO A 7 14.46 2.54 25.65
N HIS A 8 13.97 1.47 26.26
CA HIS A 8 13.02 0.60 25.59
C HIS A 8 13.71 -0.34 24.63
N GLY A 9 14.97 -0.07 24.33
CA GLY A 9 15.75 -0.90 23.42
C GLY A 9 15.79 -0.33 22.02
N HIS A 10 15.96 -1.20 21.03
CA HIS A 10 15.97 -0.77 19.64
C HIS A 10 14.65 -1.05 18.96
N MET A 11 14.13 -0.03 18.29
CA MET A 11 12.95 -0.19 17.49
C MET A 11 13.43 -0.79 16.18
N GLN A 12 12.87 -1.94 15.82
CA GLN A 12 13.31 -2.64 14.61
C GLN A 12 12.63 -2.06 13.38
N THR A 13 11.33 -1.80 13.51
CA THR A 13 10.57 -1.24 12.43
C THR A 13 10.17 0.20 12.69
N LEU A 14 10.57 1.08 11.77
CA LEU A 14 10.01 2.41 11.69
C LEU A 14 8.79 2.34 10.77
N ILE A 15 7.61 2.51 11.34
CA ILE A 15 6.38 2.54 10.55
C ILE A 15 5.89 3.97 10.41
N PHE A 16 6.20 4.58 9.26
CA PHE A 16 5.70 5.91 8.97
C PHE A 16 4.20 5.84 8.74
N LEU A 17 3.49 6.80 9.33
CA LEU A 17 2.06 6.71 9.49
C LEU A 17 1.44 8.03 9.14
N ASP A 18 0.31 8.00 8.44
CA ASP A 18 -0.46 9.22 8.24
C ASP A 18 -1.93 8.92 8.13
N LEU A 19 -2.73 9.81 8.73
CA LEU A 19 -4.17 9.69 8.67
C LEU A 19 -4.78 10.91 8.00
N GLU A 20 -5.75 10.67 7.13
CA GLU A 20 -6.69 11.72 6.76
C GLU A 20 -7.95 11.51 7.61
N ALA A 21 -8.79 12.52 7.72
CA ALA A 21 -9.92 12.43 8.65
C ALA A 21 -10.98 13.50 8.35
N THR A 22 -12.04 13.56 9.14
CA THR A 22 -13.17 14.44 8.83
C THR A 22 -12.88 15.92 9.10
N GLY A 23 -11.83 16.21 9.86
CA GLY A 23 -11.54 17.57 10.26
C GLY A 23 -10.53 17.60 11.38
N LEU A 24 -10.46 18.72 12.09
CA LEU A 24 -9.45 18.93 13.12
C LEU A 24 -9.95 18.52 14.51
N PRO A 25 -9.03 18.44 15.48
CA PRO A 25 -9.32 17.83 16.78
C PRO A 25 -10.55 18.41 17.49
N SER A 26 -10.74 19.72 17.45
CA SER A 26 -11.89 20.33 18.11
C SER A 26 -13.19 19.74 17.58
N SER A 27 -13.13 19.17 16.37
CA SER A 27 -14.33 18.72 15.69
C SER A 27 -14.69 17.25 15.96
N ARG A 28 -13.94 16.60 16.84
CA ARG A 28 -14.22 15.20 17.15
C ARG A 28 -14.08 14.32 15.91
N PRO A 29 -12.90 14.37 15.26
CA PRO A 29 -12.75 13.83 13.90
C PRO A 29 -12.64 12.31 13.75
N GLU A 30 -13.13 11.82 12.62
CA GLU A 30 -13.08 10.40 12.31
C GLU A 30 -12.16 10.15 11.12
N VAL A 31 -11.34 9.11 11.25
CA VAL A 31 -10.41 8.69 10.22
C VAL A 31 -11.14 8.34 8.92
N THR A 32 -10.57 8.75 7.78
CA THR A 32 -11.16 8.46 6.48
C THR A 32 -10.16 7.75 5.59
N GLU A 33 -8.89 7.86 5.94
CA GLU A 33 -7.85 7.16 5.19
C GLU A 33 -6.67 6.96 6.09
N LEU A 34 -5.97 5.85 5.85
CA LEU A 34 -4.87 5.46 6.70
C LEU A 34 -3.78 4.85 5.83
N CYS A 35 -2.56 5.31 6.03
CA CYS A 35 -1.43 4.70 5.34
C CYS A 35 -0.32 4.40 6.31
N LEU A 36 0.18 3.18 6.20
CA LEU A 36 1.37 2.76 6.92
C LEU A 36 2.41 2.33 5.91
N LEU A 37 3.63 2.73 6.17
CA LEU A 37 4.75 2.32 5.36
C LEU A 37 5.78 1.85 6.35
N ALA A 38 6.03 0.54 6.35
CA ALA A 38 6.87 -0.05 7.33
C ALA A 38 8.25 -0.26 6.73
N VAL A 39 9.23 0.00 7.56
CA VAL A 39 10.60 0.08 7.12
C VAL A 39 11.49 -0.45 8.22
N HIS A 40 12.64 -0.92 7.81
CA HIS A 40 13.60 -1.51 8.70
C HIS A 40 14.78 -0.55 8.83
N ARG A 41 15.34 -0.47 10.03
CA ARG A 41 16.43 0.45 10.34
C ARG A 41 17.60 0.29 9.35
N ARG A 42 17.77 -0.93 8.83
CA ARG A 42 18.79 -1.22 7.81
C ARG A 42 18.68 -0.33 6.61
N ALA A 43 17.48 -0.28 6.04
CA ALA A 43 17.24 0.35 4.74
C ALA A 43 17.73 1.78 4.69
N LEU A 44 18.29 2.24 5.80
CA LEU A 44 18.80 3.58 5.92
C LEU A 44 20.31 3.62 5.69
N ILE A 49 24.25 8.91 1.53
CA ILE A 49 24.97 9.99 0.86
C ILE A 49 24.05 10.67 -0.14
N SER A 50 24.51 11.79 -0.64
CA SER A 50 23.72 12.69 -1.45
C SER A 50 24.66 13.58 -2.17
N GLN A 51 24.38 13.85 -3.43
CA GLN A 51 25.28 14.63 -4.21
C GLN A 51 24.53 15.58 -5.13
N GLY A 52 24.64 16.87 -4.86
CA GLY A 52 24.12 17.87 -5.77
C GLY A 52 23.33 18.95 -5.08
N HIS A 53 23.05 20.02 -5.79
CA HIS A 53 22.28 21.11 -5.22
C HIS A 53 21.27 21.62 -6.23
N PRO A 54 20.02 21.78 -5.79
CA PRO A 54 19.63 21.44 -4.43
C PRO A 54 19.64 19.92 -4.19
N PRO A 55 19.78 19.49 -2.93
CA PRO A 55 19.92 18.05 -2.67
C PRO A 55 18.77 17.25 -3.28
N PRO A 56 19.09 16.17 -4.02
CA PRO A 56 18.05 15.35 -4.67
C PRO A 56 17.03 14.84 -3.67
N VAL A 57 15.80 14.71 -4.11
CA VAL A 57 14.79 13.99 -3.34
C VAL A 57 15.20 12.52 -3.32
N PRO A 58 15.56 11.97 -2.16
CA PRO A 58 16.06 10.59 -2.19
C PRO A 58 15.04 9.56 -2.66
N ARG A 59 15.55 8.35 -2.87
CA ARG A 59 14.73 7.23 -3.25
C ARG A 59 14.18 6.56 -2.00
N PRO A 60 12.89 6.22 -1.99
CA PRO A 60 12.46 5.30 -0.93
C PRO A 60 13.41 4.11 -0.95
N PRO A 61 13.65 3.46 0.19
CA PRO A 61 14.44 2.22 0.06
C PRO A 61 13.68 1.11 -0.66
N ARG A 62 14.42 0.10 -1.12
CA ARG A 62 13.82 -0.96 -1.91
C ARG A 62 12.84 -1.80 -1.12
N VAL A 63 13.26 -2.27 0.05
CA VAL A 63 12.40 -3.15 0.83
C VAL A 63 11.48 -2.37 1.76
N VAL A 64 10.20 -2.35 1.44
CA VAL A 64 9.22 -1.68 2.27
C VAL A 64 7.92 -2.45 2.24
N ASP A 65 7.17 -2.38 3.32
CA ASP A 65 5.78 -2.82 3.31
C ASP A 65 4.92 -1.59 3.34
N LYS A 66 3.88 -1.60 2.53
CA LYS A 66 3.01 -0.46 2.44
C LYS A 66 1.57 -0.91 2.59
N LEU A 67 0.82 -0.16 3.39
CA LEU A 67 -0.60 -0.38 3.49
C LEU A 67 -1.30 0.96 3.39
N SER A 68 -2.34 1.02 2.56
CA SER A 68 -3.12 2.24 2.43
C SER A 68 -4.57 1.84 2.32
N LEU A 69 -5.40 2.32 3.24
CA LEU A 69 -6.81 1.95 3.22
C LEU A 69 -7.70 3.19 3.32
N CYS A 70 -8.74 3.20 2.51
CA CYS A 70 -9.80 4.18 2.70
C CYS A 70 -10.80 3.64 3.72
N ILE A 71 -11.29 4.52 4.59
CA ILE A 71 -12.12 4.12 5.71
C ILE A 71 -13.35 5.04 5.77
N ALA A 72 -14.54 4.46 5.86
CA ALA A 72 -15.75 5.26 5.92
C ALA A 72 -15.93 5.76 7.36
N PRO A 73 -16.16 7.08 7.53
CA PRO A 73 -16.41 7.68 8.84
C PRO A 73 -17.91 7.81 9.09
N GLY A 74 -18.33 7.77 10.35
CA GLY A 74 -19.74 7.88 10.69
C GLY A 74 -20.33 9.29 10.65
N LYS A 75 -19.48 10.30 10.42
CA LYS A 75 -19.97 11.67 10.24
C LYS A 75 -19.39 12.28 8.98
N ALA A 76 -20.01 13.36 8.51
CA ALA A 76 -19.60 14.00 7.27
C ALA A 76 -18.22 14.63 7.42
N CYS A 77 -17.45 14.62 6.33
CA CYS A 77 -16.18 15.34 6.26
C CYS A 77 -16.45 16.83 6.24
N SER A 78 -15.82 17.58 7.16
CA SER A 78 -15.92 19.03 7.09
C SER A 78 -15.47 19.49 5.71
N PRO A 79 -15.97 20.64 5.25
CA PRO A 79 -15.62 21.13 3.91
C PRO A 79 -14.11 21.22 3.70
N GLY A 80 -13.38 21.59 4.75
CA GLY A 80 -11.94 21.76 4.67
C GLY A 80 -11.20 20.44 4.52
N ALA A 81 -11.68 19.41 5.20
CA ALA A 81 -11.10 18.08 5.05
C ALA A 81 -11.40 17.49 3.66
N SER A 82 -12.58 17.80 3.12
CA SER A 82 -12.93 17.36 1.76
C SER A 82 -12.14 18.11 0.72
N GLU A 83 -11.87 19.38 0.97
CA GLU A 83 -11.10 20.19 0.04
C GLU A 83 -9.67 19.68 -0.04
N ILE A 84 -9.08 19.36 1.10
CA ILE A 84 -7.72 18.84 1.15
C ILE A 84 -7.60 17.48 0.47
N THR A 85 -8.54 16.57 0.73
CA THR A 85 -8.31 15.17 0.42
C THR A 85 -9.09 14.64 -0.78
N GLY A 86 -10.16 15.34 -1.16
CA GLY A 86 -11.00 14.89 -2.25
C GLY A 86 -11.88 13.71 -1.85
N LEU A 87 -11.91 13.43 -0.56
CA LEU A 87 -12.74 12.38 -0.01
C LEU A 87 -14.01 12.96 0.58
N SER A 88 -15.11 12.21 0.53
CA SER A 88 -16.33 12.61 1.20
C SER A 88 -17.02 11.35 1.72
N LYS A 89 -17.80 11.49 2.79
CA LYS A 89 -18.46 10.35 3.41
C LYS A 89 -19.32 9.59 2.41
N ALA A 90 -20.03 10.32 1.55
CA ALA A 90 -20.98 9.74 0.62
C ALA A 90 -20.28 8.97 -0.50
N GLU A 91 -19.05 9.35 -0.82
CA GLU A 91 -18.35 8.75 -1.95
C GLU A 91 -17.49 7.59 -1.46
N LEU A 92 -17.13 7.62 -0.18
CA LEU A 92 -16.55 6.46 0.47
C LEU A 92 -17.62 5.39 0.55
N GLU A 93 -18.83 5.83 0.84
CA GLU A 93 -19.92 4.91 1.10
C GLU A 93 -20.47 4.32 -0.20
N VAL A 94 -20.45 5.09 -1.29
CA VAL A 94 -20.74 4.54 -2.60
C VAL A 94 -19.93 3.28 -2.80
N GLN A 95 -18.61 3.44 -2.73
CA GLN A 95 -17.69 2.37 -3.03
C GLN A 95 -17.54 1.45 -1.83
N GLY A 96 -18.62 1.37 -1.06
CA GLY A 96 -18.72 0.48 0.06
C GLY A 96 -17.44 0.33 0.86
N ARG A 97 -16.81 1.45 1.20
CA ARG A 97 -15.70 1.39 2.15
C ARG A 97 -16.27 1.03 3.50
N GLN A 98 -15.56 0.21 4.26
CA GLN A 98 -16.03 -0.18 5.57
C GLN A 98 -15.77 0.92 6.57
N ARG A 99 -16.02 0.60 7.84
CA ARG A 99 -15.80 1.54 8.90
C ARG A 99 -14.59 1.06 9.63
N PHE A 100 -14.09 1.88 10.56
CA PHE A 100 -12.96 1.49 11.38
C PHE A 100 -13.48 0.43 12.34
N ASP A 101 -13.33 -0.83 11.97
CA ASP A 101 -13.92 -1.93 12.73
C ASP A 101 -12.87 -2.94 13.17
N ASP A 102 -13.35 -4.04 13.73
CA ASP A 102 -12.52 -5.11 14.28
C ASP A 102 -11.60 -5.82 13.27
N ASN A 103 -12.12 -6.07 12.09
CA ASN A 103 -11.31 -6.66 11.04
C ASN A 103 -10.04 -5.82 10.80
N LEU A 104 -10.28 -4.56 10.47
CA LEU A 104 -9.25 -3.52 10.38
C LEU A 104 -8.16 -3.66 11.41
N ALA A 105 -8.54 -3.78 12.68
CA ALA A 105 -7.58 -4.00 13.75
C ALA A 105 -6.85 -5.34 13.53
N ILE A 106 -7.58 -6.36 13.11
CA ILE A 106 -6.99 -7.66 12.81
C ILE A 106 -5.94 -7.47 11.70
N LEU A 107 -6.36 -6.76 10.66
CA LEU A 107 -5.49 -6.44 9.51
C LEU A 107 -4.19 -5.77 9.91
N LEU A 108 -4.35 -4.72 10.72
CA LEU A 108 -3.23 -3.93 11.21
C LEU A 108 -2.37 -4.80 12.08
N ARG A 109 -3.06 -5.52 12.96
CA ARG A 109 -2.47 -6.56 13.77
C ARG A 109 -1.57 -7.39 12.87
N ALA A 110 -2.17 -8.03 11.86
CA ALA A 110 -1.42 -8.90 10.95
C ALA A 110 -0.31 -8.15 10.19
N PHE A 111 -0.58 -6.91 9.77
CA PHE A 111 0.42 -6.12 9.04
C PHE A 111 1.61 -5.89 9.96
N LEU A 112 1.32 -5.54 11.20
CA LEU A 112 2.37 -5.27 12.15
C LEU A 112 3.07 -6.56 12.54
N GLN A 113 2.31 -7.64 12.61
CA GLN A 113 2.91 -8.92 12.96
C GLN A 113 3.93 -9.40 11.90
N ARG A 114 3.86 -8.87 10.66
CA ARG A 114 4.92 -9.20 9.68
C ARG A 114 6.15 -8.33 9.88
N GLN A 115 6.12 -7.45 10.87
CA GLN A 115 7.24 -6.56 11.08
C GLN A 115 8.18 -7.14 12.14
N PRO A 116 9.48 -6.85 12.00
CA PRO A 116 10.42 -7.15 13.08
C PRO A 116 10.10 -6.24 14.27
N GLN A 117 10.14 -6.79 15.47
CA GLN A 117 9.78 -6.02 16.64
C GLN A 117 11.00 -5.64 17.45
N PRO A 118 10.89 -4.57 18.26
CA PRO A 118 9.70 -3.72 18.39
C PRO A 118 9.42 -2.72 17.25
N CYS A 119 8.18 -2.26 17.18
CA CYS A 119 7.67 -1.39 16.12
C CYS A 119 7.36 0.05 16.60
N CYS A 120 7.95 1.06 15.94
CA CYS A 120 7.63 2.44 16.27
C CYS A 120 7.03 3.26 15.14
N LEU A 121 5.76 3.59 15.31
CA LEU A 121 5.07 4.58 14.47
C LEU A 121 5.83 5.90 14.46
N VAL A 122 5.97 6.50 13.28
CA VAL A 122 6.39 7.90 13.19
C VAL A 122 5.33 8.66 12.40
N ALA A 123 4.83 9.76 12.97
CA ALA A 123 3.85 10.59 12.27
C ALA A 123 4.10 12.08 12.53
N HIS A 124 3.77 12.91 11.55
CA HIS A 124 4.04 14.34 11.61
C HIS A 124 2.97 14.94 12.49
N ASN A 125 3.37 15.46 13.66
CA ASN A 125 2.38 15.99 14.60
C ASN A 125 1.58 14.92 15.32
N GLY A 126 2.07 13.68 15.21
CA GLY A 126 1.35 12.54 15.79
C GLY A 126 1.10 12.69 17.27
N ASP A 127 2.06 13.23 18.01
CA ASP A 127 1.90 13.41 19.43
C ASP A 127 0.68 14.27 19.73
N ARG A 128 0.29 15.13 18.78
CA ARG A 128 -0.85 16.02 18.90
C ARG A 128 -2.07 15.72 18.04
N TYR A 129 -1.90 15.03 16.92
CA TYR A 129 -3.02 14.54 16.12
C TYR A 129 -3.31 13.07 15.78
N ASP A 130 -2.36 12.38 15.16
CA ASP A 130 -2.57 11.04 14.62
C ASP A 130 -2.65 10.03 15.75
N PHE A 131 -1.69 10.07 16.67
CA PHE A 131 -1.61 9.06 17.72
C PHE A 131 -2.83 9.11 18.64
N PRO A 132 -3.21 10.30 19.14
CA PRO A 132 -4.38 10.34 20.00
C PRO A 132 -5.66 9.97 19.26
N LEU A 133 -5.75 10.35 17.99
CA LEU A 133 -6.90 10.05 17.15
C LEU A 133 -7.02 8.54 16.90
N LEU A 134 -5.90 7.91 16.58
CA LEU A 134 -5.82 6.46 16.39
C LEU A 134 -6.32 5.72 17.65
N GLN A 135 -5.83 6.17 18.80
CA GLN A 135 -6.24 5.62 20.08
C GLN A 135 -7.77 5.66 20.24
N THR A 136 -8.37 6.77 19.85
CA THR A 136 -9.81 6.94 19.96
C THR A 136 -10.55 5.97 19.06
N GLU A 137 -10.10 5.88 17.81
CA GLU A 137 -10.69 4.98 16.84
C GLU A 137 -10.67 3.52 17.32
N LEU A 138 -9.55 3.15 17.93
CA LEU A 138 -9.34 1.79 18.43
C LEU A 138 -10.12 1.51 19.72
N ALA A 139 -10.35 2.55 20.51
CA ALA A 139 -11.09 2.37 21.75
C ALA A 139 -12.56 2.00 21.48
N ARG A 140 -13.08 2.37 20.31
CA ARG A 140 -14.50 2.27 20.05
C ARG A 140 -15.05 0.86 19.89
N LEU A 141 -14.16 -0.12 19.70
CA LEU A 141 -14.56 -1.41 19.15
C LEU A 141 -14.29 -2.64 20.05
N SER A 142 -14.90 -3.75 19.66
CA SER A 142 -14.92 -4.96 20.47
C SER A 142 -13.51 -5.47 20.68
N THR A 143 -12.73 -5.37 19.61
CA THR A 143 -11.37 -5.90 19.56
C THR A 143 -10.41 -5.16 20.50
N PRO A 144 -9.42 -5.87 21.07
CA PRO A 144 -8.19 -5.28 21.61
C PRO A 144 -7.46 -4.42 20.59
N SER A 145 -6.75 -3.38 21.03
CA SER A 145 -5.92 -2.61 20.12
C SER A 145 -4.73 -3.45 19.67
N PRO A 146 -4.42 -3.41 18.36
CA PRO A 146 -3.18 -3.97 17.76
C PRO A 146 -1.96 -3.11 18.06
N LEU A 147 -2.18 -1.93 18.62
CA LEU A 147 -1.09 -1.00 18.89
C LEU A 147 -0.76 -0.98 20.39
N ASP A 148 -1.45 -1.84 21.14
CA ASP A 148 -1.21 -1.96 22.58
C ASP A 148 0.27 -2.20 22.90
N GLY A 149 0.97 -2.93 22.03
CA GLY A 149 2.37 -3.24 22.23
C GLY A 149 3.28 -2.42 21.32
N THR A 150 2.72 -1.42 20.66
CA THR A 150 3.48 -0.60 19.75
C THR A 150 3.93 0.70 20.37
N PHE A 151 4.92 1.32 19.75
CA PHE A 151 5.50 2.58 20.21
C PHE A 151 5.27 3.72 19.21
N CYS A 152 5.64 4.94 19.58
CA CYS A 152 5.31 6.14 18.80
C CYS A 152 6.32 7.22 19.05
N VAL A 153 6.55 8.02 18.01
CA VAL A 153 7.30 9.25 18.14
C VAL A 153 6.78 10.23 17.09
N ASP A 154 6.88 11.52 17.40
CA ASP A 154 6.47 12.60 16.50
C ASP A 154 7.64 13.04 15.62
N SER A 155 7.42 13.17 14.32
CA SER A 155 8.51 13.62 13.46
C SER A 155 8.79 15.14 13.60
N ILE A 156 7.85 15.93 14.13
CA ILE A 156 8.17 17.36 14.30
C ILE A 156 9.34 17.54 15.25
N ALA A 157 9.13 17.08 16.48
CA ALA A 157 10.14 17.14 17.52
C ALA A 157 11.47 16.58 17.00
N ALA A 158 11.39 15.44 16.33
CA ALA A 158 12.57 14.81 15.76
C ALA A 158 13.28 15.75 14.78
N LEU A 159 12.52 16.34 13.86
CA LEU A 159 13.10 17.19 12.83
C LEU A 159 13.59 18.52 13.39
N LYS A 160 12.99 18.98 14.47
CA LYS A 160 13.48 20.17 15.17
C LYS A 160 14.95 19.96 15.51
N ALA A 161 15.21 19.06 16.45
CA ALA A 161 16.56 18.76 16.89
C ALA A 161 17.55 18.75 15.72
N LEU A 162 17.35 17.80 14.81
CA LEU A 162 18.26 17.56 13.71
C LEU A 162 18.60 18.81 12.88
N GLU A 163 17.62 19.68 12.69
CA GLU A 163 17.85 20.90 11.93
C GLU A 163 18.55 21.94 12.80
N GLN A 164 18.23 21.92 14.09
CA GLN A 164 18.86 22.84 15.04
C GLN A 164 20.30 22.50 15.38
N ALA A 165 20.87 21.53 14.67
CA ALA A 165 22.24 21.12 14.89
C ALA A 165 23.13 21.20 13.64
N SER A 166 22.66 21.95 12.66
CA SER A 166 23.36 22.11 11.39
C SER A 166 23.89 23.53 11.21
N LYS A 175 11.96 27.13 10.48
CA LYS A 175 11.09 28.27 10.77
C LYS A 175 9.69 27.70 10.88
N SER A 176 9.06 27.32 9.79
CA SER A 176 7.84 26.51 9.90
C SER A 176 8.19 25.03 10.00
N TYR A 177 7.46 24.24 10.78
CA TYR A 177 7.63 22.80 10.70
C TYR A 177 6.38 22.05 10.26
N SER A 178 5.62 22.64 9.35
CA SER A 178 4.57 21.93 8.66
C SER A 178 5.26 20.92 7.75
N LEU A 179 4.57 19.84 7.41
CA LEU A 179 5.16 18.81 6.55
C LEU A 179 5.75 19.42 5.28
N GLY A 180 4.94 20.12 4.52
CA GLY A 180 5.41 20.73 3.28
C GLY A 180 6.56 21.71 3.46
N SER A 181 6.50 22.57 4.47
CA SER A 181 7.52 23.59 4.63
C SER A 181 8.89 22.97 4.82
N ILE A 182 8.96 21.89 5.61
CA ILE A 182 10.23 21.19 5.82
C ILE A 182 10.76 20.63 4.50
N TYR A 183 9.89 19.94 3.78
CA TYR A 183 10.24 19.30 2.52
C TYR A 183 10.75 20.31 1.47
N THR A 184 9.94 21.31 1.17
CA THR A 184 10.24 22.29 0.13
C THR A 184 11.55 23.02 0.42
N ARG A 185 11.84 23.07 1.71
CA ARG A 185 12.99 23.75 2.27
C ARG A 185 14.25 22.91 2.16
N LEU A 186 14.15 21.61 2.43
CA LEU A 186 15.29 20.70 2.26
C LEU A 186 15.54 20.39 0.79
N TYR A 187 14.47 20.35 0.01
CA TYR A 187 14.52 19.78 -1.33
C TYR A 187 14.22 20.77 -2.44
N TRP A 188 13.54 21.87 -2.12
CA TRP A 188 13.29 22.91 -3.10
C TRP A 188 12.31 22.46 -4.19
N GLN A 189 11.51 21.44 -3.86
CA GLN A 189 10.39 21.06 -4.68
C GLN A 189 9.16 21.03 -3.81
N ALA A 190 7.99 21.17 -4.43
CA ALA A 190 6.73 20.90 -3.76
C ALA A 190 6.67 19.40 -3.51
N PRO A 191 5.99 18.98 -2.44
CA PRO A 191 5.74 17.55 -2.21
C PRO A 191 4.96 16.96 -3.38
N THR A 192 5.22 15.70 -3.74
CA THR A 192 4.56 15.06 -4.88
C THR A 192 3.04 15.05 -4.75
N ASP A 193 2.54 14.72 -3.56
CA ASP A 193 1.10 14.64 -3.33
C ASP A 193 0.77 14.95 -1.87
N SER A 194 -0.11 15.92 -1.66
CA SER A 194 -0.47 16.35 -0.31
C SER A 194 -1.95 16.12 -0.10
N HIS A 195 -2.55 15.33 -0.99
CA HIS A 195 -3.99 15.09 -0.94
C HIS A 195 -4.33 13.75 -0.30
N THR A 196 -3.36 12.85 -0.18
CA THR A 196 -3.67 11.49 0.27
C THR A 196 -2.75 11.07 1.41
N ALA A 197 -3.17 10.07 2.18
CA ALA A 197 -2.38 9.59 3.30
C ALA A 197 -1.04 9.05 2.86
N GLU A 198 -0.98 8.37 1.72
CA GLU A 198 0.28 7.80 1.21
C GLU A 198 1.21 8.92 0.75
N GLY A 199 0.65 9.93 0.11
CA GLY A 199 1.43 11.09 -0.28
C GLY A 199 2.13 11.69 0.91
N ASN A 200 1.39 11.89 2.00
CA ASN A 200 1.99 12.47 3.20
C ASN A 200 3.02 11.56 3.85
N VAL A 201 2.78 10.25 3.78
CA VAL A 201 3.74 9.31 4.30
C VAL A 201 5.03 9.38 3.49
N LEU A 202 4.90 9.49 2.17
CA LEU A 202 6.06 9.52 1.30
C LEU A 202 6.85 10.83 1.52
N THR A 203 6.14 11.95 1.56
CA THR A 203 6.77 13.21 1.93
C THR A 203 7.51 13.04 3.26
N LEU A 204 6.80 12.55 4.27
CA LEU A 204 7.40 12.33 5.59
C LEU A 204 8.61 11.41 5.51
N LEU A 205 8.52 10.41 4.64
CA LEU A 205 9.62 9.46 4.45
C LEU A 205 10.86 10.17 3.91
N SER A 206 10.72 10.94 2.84
CA SER A 206 11.85 11.64 2.24
C SER A 206 12.52 12.57 3.26
N ILE A 207 11.70 13.28 4.02
CA ILE A 207 12.21 14.16 5.06
C ILE A 207 13.08 13.36 6.01
N CYS A 208 12.58 12.23 6.48
CA CYS A 208 13.34 11.44 7.45
C CYS A 208 14.58 10.78 6.85
N GLN A 209 14.75 10.88 5.54
CA GLN A 209 15.97 10.37 4.89
C GLN A 209 17.02 11.47 4.69
N TRP A 210 16.69 12.71 5.03
CA TRP A 210 17.66 13.80 4.86
C TRP A 210 18.93 13.49 5.63
N LYS A 211 18.77 13.10 6.89
CA LYS A 211 19.90 12.66 7.70
C LYS A 211 19.46 11.48 8.59
N PRO A 212 19.36 10.29 7.98
CA PRO A 212 18.77 9.07 8.53
C PRO A 212 19.50 8.55 9.76
N GLN A 213 20.83 8.62 9.68
CA GLN A 213 21.74 8.30 10.77
C GLN A 213 21.35 8.93 12.10
N ALA A 214 21.31 10.26 12.09
CA ALA A 214 20.88 11.04 13.24
C ALA A 214 19.41 10.76 13.47
N LEU A 215 18.62 10.92 12.42
CA LEU A 215 17.19 10.66 12.53
C LEU A 215 17.07 9.54 13.54
N LEU A 216 17.60 8.38 13.17
CA LEU A 216 17.37 7.16 13.91
C LEU A 216 18.08 7.16 15.28
N GLN A 217 19.29 7.71 15.34
CA GLN A 217 19.85 8.04 16.63
C GLN A 217 18.72 8.69 17.43
N TRP A 218 18.20 9.78 16.88
CA TRP A 218 17.27 10.63 17.60
C TRP A 218 16.01 9.88 18.07
N VAL A 219 15.62 8.82 17.36
CA VAL A 219 14.26 8.28 17.55
C VAL A 219 14.25 7.04 18.45
N ASP A 220 15.40 6.41 18.60
CA ASP A 220 15.53 5.30 19.55
C ASP A 220 15.71 5.85 20.96
N GLU A 221 16.20 7.08 21.06
CA GLU A 221 16.28 7.76 22.35
C GLU A 221 14.90 8.21 22.82
N HIS A 222 13.98 8.41 21.87
CA HIS A 222 12.71 9.07 22.21
C HIS A 222 11.45 8.22 22.15
N ALA A 223 11.47 7.09 21.44
CA ALA A 223 10.26 6.29 21.30
C ALA A 223 9.51 6.09 22.63
N ARG A 224 8.20 5.98 22.56
CA ARG A 224 7.36 5.94 23.75
C ARG A 224 6.16 5.07 23.46
N PRO A 225 5.50 4.59 24.51
CA PRO A 225 4.31 3.75 24.32
C PRO A 225 3.20 4.45 23.54
N PHE A 226 2.36 3.65 22.88
CA PHE A 226 1.18 4.14 22.23
C PHE A 226 -0.03 3.89 23.13
N SER A 227 0.15 3.06 24.14
CA SER A 227 -0.94 2.76 25.06
C SER A 227 -0.89 3.67 26.28
N THR A 228 0.08 4.56 26.25
CA THR A 228 0.11 5.67 27.13
C THR A 228 -0.56 6.87 26.44
N VAL A 229 -0.87 6.74 25.16
CA VAL A 229 -1.36 7.86 24.37
C VAL A 229 -2.80 8.11 24.75
N LYS A 230 -3.13 9.32 25.11
CA LYS A 230 -4.48 9.55 25.54
C LYS A 230 -5.30 9.79 24.31
N PRO A 231 -6.42 9.15 24.29
CA PRO A 231 -7.39 9.42 23.22
C PRO A 231 -7.70 10.88 22.94
N MET A 232 -7.58 11.27 21.69
CA MET A 232 -7.94 12.63 21.34
C MET A 232 -9.23 13.06 22.04
N TYR A 233 -10.23 12.19 22.03
CA TYR A 233 -11.52 12.49 22.65
C TYR A 233 -12.34 11.22 22.83
N GLY A 234 -13.56 11.41 23.32
CA GLY A 234 -14.63 10.44 23.06
C GLY A 234 -14.85 9.33 24.05
N THR A 235 -14.30 8.16 23.77
CA THR A 235 -14.64 6.94 24.53
C THR A 235 -16.15 6.93 24.74
N PRO A 236 -16.89 7.27 23.69
CA PRO A 236 -18.36 7.38 23.78
C PRO A 236 -19.10 6.45 24.72
N PRO B 7 -22.93 -14.47 -15.70
CA PRO B 7 -21.93 -15.51 -15.46
C PRO B 7 -21.69 -15.75 -13.96
N HIS B 8 -20.91 -14.91 -13.28
CA HIS B 8 -20.83 -14.94 -11.82
C HIS B 8 -21.38 -13.64 -11.24
N GLY B 9 -22.16 -12.93 -12.03
CA GLY B 9 -22.66 -11.63 -11.64
C GLY B 9 -21.61 -10.55 -11.84
N HIS B 10 -22.01 -9.31 -11.57
CA HIS B 10 -21.12 -8.17 -11.72
C HIS B 10 -20.06 -8.19 -10.63
N MET B 11 -18.79 -8.11 -11.05
CA MET B 11 -17.72 -8.02 -10.06
C MET B 11 -17.76 -6.63 -9.40
N GLN B 12 -17.90 -6.60 -8.09
CA GLN B 12 -18.00 -5.31 -7.40
C GLN B 12 -16.61 -4.70 -7.14
N THR B 13 -15.61 -5.55 -6.93
CA THR B 13 -14.24 -5.09 -6.69
C THR B 13 -13.22 -5.71 -7.67
N LEU B 14 -12.38 -4.87 -8.25
CA LEU B 14 -11.23 -5.34 -9.01
C LEU B 14 -9.98 -5.25 -8.14
N ILE B 15 -9.21 -6.32 -8.08
CA ILE B 15 -7.96 -6.31 -7.34
C ILE B 15 -6.79 -6.54 -8.31
N PHE B 16 -6.12 -5.44 -8.66
CA PHE B 16 -4.97 -5.56 -9.53
C PHE B 16 -3.86 -6.14 -8.70
N LEU B 17 -3.17 -7.11 -9.26
CA LEU B 17 -2.24 -7.88 -8.48
C LEU B 17 -0.98 -8.09 -9.28
N ASP B 18 0.15 -8.05 -8.61
CA ASP B 18 1.40 -8.37 -9.26
C ASP B 18 2.36 -8.98 -8.27
N LEU B 19 3.09 -9.96 -8.75
CA LEU B 19 4.07 -10.63 -7.93
C LEU B 19 5.45 -10.41 -8.53
N GLU B 20 6.43 -10.10 -7.67
CA GLU B 20 7.81 -10.30 -8.03
C GLU B 20 8.21 -11.64 -7.44
N ALA B 21 9.09 -12.37 -8.12
CA ALA B 21 9.49 -13.68 -7.60
C ALA B 21 10.92 -14.01 -7.99
N THR B 22 11.35 -15.22 -7.62
CA THR B 22 12.73 -15.62 -7.74
C THR B 22 13.12 -15.97 -9.16
N GLY B 23 12.13 -16.16 -10.03
CA GLY B 23 12.43 -16.55 -11.39
C GLY B 23 11.22 -16.87 -12.23
N LEU B 24 11.45 -17.48 -13.38
CA LEU B 24 10.36 -17.78 -14.30
C LEU B 24 9.79 -19.14 -13.94
N PRO B 25 8.66 -19.50 -14.57
CA PRO B 25 7.96 -20.72 -14.17
C PRO B 25 8.81 -21.99 -14.22
N SER B 26 9.61 -22.17 -15.26
CA SER B 26 10.41 -23.39 -15.40
C SER B 26 11.29 -23.66 -14.18
N SER B 27 11.55 -22.61 -13.40
CA SER B 27 12.45 -22.71 -12.26
C SER B 27 11.73 -22.96 -10.94
N ARG B 28 10.42 -23.18 -11.00
CA ARG B 28 9.64 -23.33 -9.78
C ARG B 28 9.88 -22.16 -8.82
N PRO B 29 9.43 -20.96 -9.21
CA PRO B 29 9.82 -19.74 -8.49
C PRO B 29 9.06 -19.53 -7.18
N GLU B 30 9.64 -18.75 -6.29
CA GLU B 30 8.95 -18.33 -5.08
C GLU B 30 8.72 -16.83 -5.05
N VAL B 31 7.64 -16.41 -4.40
CA VAL B 31 7.25 -15.00 -4.37
C VAL B 31 8.15 -14.17 -3.47
N THR B 32 8.67 -13.06 -3.99
CA THR B 32 9.51 -12.15 -3.23
C THR B 32 8.80 -10.84 -2.85
N GLU B 33 7.70 -10.56 -3.54
CA GLU B 33 6.97 -9.32 -3.31
C GLU B 33 5.62 -9.43 -3.97
N LEU B 34 4.63 -8.95 -3.26
CA LEU B 34 3.27 -8.98 -3.73
C LEU B 34 2.64 -7.61 -3.54
N CYS B 35 1.76 -7.24 -4.46
CA CYS B 35 1.04 -5.98 -4.33
C CYS B 35 -0.39 -6.14 -4.81
N LEU B 36 -1.32 -5.66 -4.01
CA LEU B 36 -2.72 -5.66 -4.35
C LEU B 36 -3.21 -4.23 -4.36
N LEU B 37 -4.03 -3.89 -5.34
CA LEU B 37 -4.67 -2.60 -5.38
C LEU B 37 -6.14 -2.82 -5.65
N ALA B 38 -6.96 -2.67 -4.61
CA ALA B 38 -8.40 -2.94 -4.72
C ALA B 38 -9.09 -1.66 -5.14
N VAL B 39 -9.83 -1.74 -6.24
CA VAL B 39 -10.61 -0.62 -6.76
C VAL B 39 -12.06 -1.05 -6.86
N HIS B 40 -12.98 -0.18 -6.47
CA HIS B 40 -14.39 -0.49 -6.61
C HIS B 40 -14.76 -0.28 -8.06
N ARG B 41 -15.73 -1.03 -8.56
CA ARG B 41 -16.13 -0.82 -9.92
C ARG B 41 -16.53 0.64 -10.06
N ARG B 42 -17.34 1.13 -9.11
CA ARG B 42 -17.80 2.52 -9.13
C ARG B 42 -16.68 3.53 -9.33
N ALA B 43 -15.60 3.34 -8.59
CA ALA B 43 -14.44 4.22 -8.68
C ALA B 43 -13.85 4.14 -10.08
N LEU B 44 -14.00 2.97 -10.69
CA LEU B 44 -13.38 2.69 -11.98
C LEU B 44 -14.17 3.28 -13.14
N GLU B 45 -15.47 2.96 -13.22
CA GLU B 45 -16.31 3.56 -14.26
C GLU B 45 -16.58 5.05 -14.02
N ASN B 46 -15.89 5.65 -13.05
CA ASN B 46 -16.05 7.07 -12.79
C ASN B 46 -15.74 7.96 -13.99
N SER B 50 -12.16 8.35 -23.66
CA SER B 50 -10.96 8.79 -22.99
C SER B 50 -10.15 9.78 -23.80
N GLN B 51 -10.18 11.07 -23.47
CA GLN B 51 -9.31 12.05 -24.16
C GLN B 51 -9.28 12.03 -25.71
N GLY B 52 -8.09 12.20 -26.28
CA GLY B 52 -7.90 12.21 -27.72
C GLY B 52 -6.68 11.33 -27.97
N HIS B 53 -5.71 11.83 -28.72
CA HIS B 53 -4.53 11.06 -29.06
C HIS B 53 -3.21 11.78 -28.99
N PRO B 54 -2.32 11.32 -28.11
CA PRO B 54 -2.68 10.22 -27.21
C PRO B 54 -3.45 10.72 -26.00
N PRO B 55 -4.22 9.85 -25.35
CA PRO B 55 -4.89 10.36 -24.16
C PRO B 55 -3.88 10.54 -23.06
N PRO B 56 -4.14 11.42 -22.09
CA PRO B 56 -3.23 11.53 -20.94
C PRO B 56 -3.26 10.24 -20.13
N VAL B 57 -2.18 9.92 -19.44
CA VAL B 57 -2.24 8.80 -18.51
C VAL B 57 -3.33 9.10 -17.49
N PRO B 58 -4.31 8.19 -17.35
CA PRO B 58 -5.35 8.32 -16.33
C PRO B 58 -4.77 8.51 -14.93
N ARG B 59 -5.39 9.38 -14.13
CA ARG B 59 -5.07 9.41 -12.70
C ARG B 59 -5.75 8.20 -12.05
N PRO B 60 -5.08 7.57 -11.08
CA PRO B 60 -5.80 6.48 -10.43
C PRO B 60 -7.01 7.01 -9.68
N PRO B 61 -7.99 6.14 -9.37
CA PRO B 61 -9.15 6.63 -8.63
C PRO B 61 -8.72 7.17 -7.27
N ARG B 62 -9.49 8.13 -6.72
CA ARG B 62 -9.17 8.65 -5.40
C ARG B 62 -9.30 7.56 -4.36
N VAL B 63 -10.36 6.77 -4.46
CA VAL B 63 -10.62 5.73 -3.49
C VAL B 63 -10.06 4.36 -3.89
N VAL B 64 -8.98 3.96 -3.24
CA VAL B 64 -8.34 2.67 -3.50
C VAL B 64 -7.76 2.16 -2.19
N ASP B 65 -7.72 0.83 -2.05
CA ASP B 65 -6.96 0.21 -0.98
C ASP B 65 -5.74 -0.39 -1.60
N LYS B 66 -4.62 -0.31 -0.90
CA LYS B 66 -3.35 -0.72 -1.46
C LYS B 66 -2.54 -1.53 -0.47
N LEU B 67 -1.95 -2.63 -0.92
CA LEU B 67 -1.12 -3.44 -0.06
C LEU B 67 0.15 -3.84 -0.79
N SER B 68 1.29 -3.72 -0.13
CA SER B 68 2.57 -4.06 -0.74
C SER B 68 3.48 -4.68 0.30
N LEU B 69 3.91 -5.91 0.07
CA LEU B 69 4.69 -6.65 1.04
C LEU B 69 5.87 -7.28 0.35
N CYS B 70 7.07 -7.06 0.86
CA CYS B 70 8.23 -7.81 0.41
C CYS B 70 8.28 -9.09 1.23
N ILE B 71 8.80 -10.15 0.63
CA ILE B 71 8.68 -11.49 1.20
C ILE B 71 9.95 -12.31 1.03
N ALA B 72 10.40 -12.90 2.13
CA ALA B 72 11.60 -13.75 2.13
C ALA B 72 11.27 -15.07 1.45
N PRO B 73 11.89 -15.35 0.30
CA PRO B 73 11.65 -16.64 -0.37
C PRO B 73 12.40 -17.79 0.28
N GLY B 74 12.05 -19.02 -0.12
CA GLY B 74 12.66 -20.21 0.45
C GLY B 74 14.00 -20.49 -0.18
N LYS B 75 14.11 -20.13 -1.45
CA LYS B 75 15.32 -20.35 -2.22
C LYS B 75 15.78 -19.01 -2.76
N ALA B 76 17.02 -18.95 -3.22
CA ALA B 76 17.60 -17.69 -3.69
C ALA B 76 16.93 -17.25 -4.98
N CYS B 77 16.98 -15.95 -5.22
CA CYS B 77 16.53 -15.41 -6.49
C CYS B 77 17.46 -15.86 -7.58
N SER B 78 16.90 -16.13 -8.76
CA SER B 78 17.73 -16.25 -9.95
C SER B 78 18.43 -14.91 -10.11
N PRO B 79 19.59 -14.90 -10.77
CA PRO B 79 20.31 -13.64 -11.01
C PRO B 79 19.48 -12.66 -11.84
N GLY B 80 18.77 -13.17 -12.84
CA GLY B 80 17.92 -12.33 -13.67
C GLY B 80 16.83 -11.66 -12.87
N ALA B 81 16.24 -12.39 -11.93
CA ALA B 81 15.13 -11.84 -11.16
C ALA B 81 15.61 -10.76 -10.19
N SER B 82 16.82 -10.94 -9.65
CA SER B 82 17.38 -9.96 -8.72
C SER B 82 17.67 -8.63 -9.40
N GLU B 83 18.10 -8.70 -10.65
CA GLU B 83 18.49 -7.51 -11.40
C GLU B 83 17.26 -6.72 -11.81
N ILE B 84 16.21 -7.42 -12.22
CA ILE B 84 14.93 -6.79 -12.56
C ILE B 84 14.21 -6.20 -11.34
N THR B 85 14.25 -6.91 -10.21
CA THR B 85 13.44 -6.54 -9.06
C THR B 85 14.14 -5.75 -7.96
N GLY B 86 15.47 -5.76 -7.94
CA GLY B 86 16.23 -5.18 -6.84
C GLY B 86 16.02 -5.92 -5.52
N LEU B 87 15.52 -7.15 -5.60
CA LEU B 87 15.30 -7.96 -4.40
C LEU B 87 16.20 -9.18 -4.38
N SER B 88 16.70 -9.55 -3.20
CA SER B 88 17.44 -10.80 -3.05
C SER B 88 17.06 -11.48 -1.75
N LYS B 89 17.27 -12.80 -1.68
CA LYS B 89 16.94 -13.56 -0.48
C LYS B 89 17.69 -13.00 0.72
N ALA B 90 18.96 -12.68 0.53
CA ALA B 90 19.80 -12.15 1.59
C ALA B 90 19.13 -10.94 2.25
N GLU B 91 18.93 -9.87 1.47
CA GLU B 91 18.43 -8.61 1.99
C GLU B 91 17.01 -8.70 2.58
N LEU B 92 16.14 -9.51 2.00
CA LEU B 92 14.79 -9.63 2.53
C LEU B 92 14.82 -10.27 3.92
N GLU B 93 15.88 -11.01 4.21
CA GLU B 93 16.00 -11.71 5.49
C GLU B 93 16.76 -10.85 6.48
N VAL B 94 17.86 -10.27 6.01
CA VAL B 94 18.59 -9.27 6.78
C VAL B 94 17.61 -8.23 7.30
N GLN B 95 16.71 -7.81 6.42
CA GLN B 95 15.82 -6.72 6.73
C GLN B 95 14.55 -7.27 7.35
N GLY B 96 14.62 -8.55 7.71
CA GLY B 96 13.63 -9.18 8.57
C GLY B 96 12.29 -9.53 7.95
N ARG B 97 12.22 -9.59 6.62
CA ARG B 97 10.99 -10.00 5.96
C ARG B 97 10.66 -11.44 6.32
N GLN B 98 9.37 -11.74 6.45
CA GLN B 98 8.94 -13.06 6.82
C GLN B 98 8.56 -13.84 5.58
N ARG B 99 8.38 -15.14 5.77
CA ARG B 99 7.96 -15.96 4.68
C ARG B 99 6.53 -15.73 4.31
N PHE B 100 6.16 -16.41 3.24
CA PHE B 100 4.79 -16.52 2.85
C PHE B 100 4.09 -17.46 3.84
N ASP B 101 3.79 -16.98 5.06
CA ASP B 101 3.25 -17.85 6.10
C ASP B 101 1.78 -17.62 6.41
N ASP B 102 1.31 -18.35 7.41
CA ASP B 102 -0.06 -18.33 7.91
C ASP B 102 -0.65 -16.93 8.12
N ASN B 103 0.12 -16.08 8.80
CA ASN B 103 -0.25 -14.67 8.97
C ASN B 103 -0.61 -14.01 7.66
N LEU B 104 0.37 -13.98 6.76
CA LEU B 104 0.23 -13.31 5.50
C LEU B 104 -1.14 -13.58 4.89
N ALA B 105 -1.69 -14.74 5.19
CA ALA B 105 -2.98 -15.13 4.65
C ALA B 105 -4.08 -14.54 5.55
N ILE B 106 -3.78 -14.40 6.83
CA ILE B 106 -4.66 -13.63 7.72
C ILE B 106 -4.70 -12.19 7.18
N LEU B 107 -3.53 -11.65 6.92
CA LEU B 107 -3.40 -10.29 6.40
C LEU B 107 -4.24 -10.14 5.13
N LEU B 108 -4.05 -11.06 4.17
CA LEU B 108 -4.74 -10.98 2.89
C LEU B 108 -6.21 -11.13 3.11
N ARG B 109 -6.54 -12.10 3.97
CA ARG B 109 -7.91 -12.35 4.39
C ARG B 109 -8.57 -11.06 4.89
N ALA B 110 -7.96 -10.44 5.90
CA ALA B 110 -8.49 -9.17 6.41
C ALA B 110 -8.58 -8.10 5.30
N PHE B 111 -7.57 -8.01 4.44
CA PHE B 111 -7.56 -7.03 3.35
C PHE B 111 -8.68 -7.32 2.36
N LEU B 112 -8.81 -8.59 1.98
CA LEU B 112 -9.90 -9.01 1.11
C LEU B 112 -11.23 -8.77 1.78
N GLN B 113 -11.26 -8.96 3.08
CA GLN B 113 -12.47 -8.76 3.87
C GLN B 113 -13.05 -7.33 3.74
N ARG B 114 -12.21 -6.32 3.56
CA ARG B 114 -12.73 -4.94 3.41
C ARG B 114 -13.14 -4.61 1.99
N GLN B 115 -13.08 -5.59 1.08
CA GLN B 115 -13.59 -5.35 -0.26
C GLN B 115 -14.99 -5.99 -0.42
N PRO B 116 -15.93 -5.26 -1.00
CA PRO B 116 -17.24 -5.86 -1.31
C PRO B 116 -17.11 -6.96 -2.36
N GLN B 117 -17.76 -8.10 -2.13
CA GLN B 117 -17.69 -9.23 -3.04
C GLN B 117 -18.78 -9.12 -4.11
N PRO B 118 -18.61 -9.84 -5.23
CA PRO B 118 -17.43 -10.66 -5.51
C PRO B 118 -16.21 -9.80 -5.83
N CYS B 119 -15.03 -10.28 -5.43
CA CYS B 119 -13.78 -9.65 -5.80
C CYS B 119 -13.23 -10.44 -6.98
N CYS B 120 -12.59 -9.76 -7.92
CA CYS B 120 -11.91 -10.43 -9.03
C CYS B 120 -10.47 -9.94 -9.17
N LEU B 121 -9.52 -10.83 -8.89
CA LEU B 121 -8.10 -10.55 -9.11
C LEU B 121 -7.82 -10.30 -10.58
N VAL B 122 -7.06 -9.24 -10.86
CA VAL B 122 -6.59 -8.96 -12.22
C VAL B 122 -5.06 -8.93 -12.26
N ALA B 123 -4.48 -9.75 -13.12
CA ALA B 123 -3.04 -9.79 -13.29
C ALA B 123 -2.67 -9.95 -14.76
N HIS B 124 -1.52 -9.42 -15.13
CA HIS B 124 -1.07 -9.40 -16.52
C HIS B 124 -0.23 -10.65 -16.80
N ASN B 125 -0.77 -11.52 -17.65
CA ASN B 125 -0.29 -12.89 -17.81
C ASN B 125 -0.54 -13.70 -16.54
N GLY B 126 -1.54 -13.27 -15.76
CA GLY B 126 -1.90 -13.96 -14.53
C GLY B 126 -2.22 -15.43 -14.72
N ASP B 127 -2.90 -15.79 -15.82
CA ASP B 127 -3.32 -17.17 -16.04
C ASP B 127 -2.13 -18.11 -16.18
N ARG B 128 -1.01 -17.56 -16.59
CA ARG B 128 0.19 -18.33 -16.78
C ARG B 128 1.04 -18.11 -15.54
N TYR B 129 1.27 -16.85 -15.16
CA TYR B 129 2.17 -16.61 -14.04
C TYR B 129 1.77 -16.33 -12.59
N ASP B 130 0.94 -15.31 -12.37
CA ASP B 130 0.70 -14.82 -11.00
C ASP B 130 -0.29 -15.75 -10.30
N PHE B 131 -1.37 -16.08 -10.99
CA PHE B 131 -2.41 -16.90 -10.39
C PHE B 131 -1.89 -18.30 -9.96
N PRO B 132 -1.32 -19.07 -10.90
CA PRO B 132 -0.81 -20.40 -10.52
C PRO B 132 0.34 -20.30 -9.52
N LEU B 133 1.10 -19.22 -9.58
CA LEU B 133 2.18 -19.02 -8.62
C LEU B 133 1.59 -18.84 -7.23
N LEU B 134 0.63 -17.92 -7.12
CA LEU B 134 0.00 -17.62 -5.84
C LEU B 134 -0.64 -18.89 -5.28
N GLN B 135 -1.32 -19.63 -6.15
CA GLN B 135 -1.98 -20.89 -5.73
C GLN B 135 -0.96 -21.82 -5.09
N THR B 136 0.14 -22.03 -5.78
CA THR B 136 1.20 -22.88 -5.27
C THR B 136 1.62 -22.42 -3.89
N GLU B 137 1.85 -21.12 -3.76
CA GLU B 137 2.43 -20.61 -2.53
C GLU B 137 1.44 -20.76 -1.35
N LEU B 138 0.15 -20.69 -1.66
CA LEU B 138 -0.91 -20.82 -0.67
C LEU B 138 -1.05 -22.27 -0.22
N ALA B 139 -1.06 -23.17 -1.21
CA ALA B 139 -1.15 -24.60 -1.00
C ALA B 139 -0.19 -25.07 0.08
N ARG B 140 0.90 -24.35 0.26
CA ARG B 140 1.94 -24.76 1.18
C ARG B 140 1.53 -24.63 2.65
N LEU B 141 0.29 -24.19 2.89
CA LEU B 141 -0.10 -23.69 4.20
C LEU B 141 -1.14 -24.54 4.90
N SER B 142 -0.96 -24.69 6.21
CA SER B 142 -1.94 -25.36 7.05
C SER B 142 -3.18 -24.49 7.16
N THR B 143 -2.96 -23.18 7.21
CA THR B 143 -4.04 -22.21 7.05
C THR B 143 -4.81 -22.56 5.75
N PRO B 144 -6.13 -22.34 5.74
CA PRO B 144 -6.99 -22.32 4.55
C PRO B 144 -6.75 -21.11 3.67
N SER B 145 -6.81 -21.29 2.35
CA SER B 145 -6.61 -20.18 1.41
C SER B 145 -7.69 -19.11 1.58
N PRO B 146 -7.30 -17.82 1.54
CA PRO B 146 -8.28 -16.75 1.66
C PRO B 146 -8.85 -16.27 0.31
N LEU B 147 -8.58 -17.01 -0.76
CA LEU B 147 -8.99 -16.62 -2.11
C LEU B 147 -10.03 -17.54 -2.71
N ASP B 148 -10.35 -18.63 -2.01
CA ASP B 148 -11.32 -19.60 -2.51
C ASP B 148 -12.59 -18.93 -3.05
N GLY B 149 -13.04 -17.84 -2.44
CA GLY B 149 -14.29 -17.21 -2.82
C GLY B 149 -14.12 -16.13 -3.88
N THR B 150 -12.88 -15.85 -4.24
CA THR B 150 -12.59 -14.75 -5.15
C THR B 150 -12.23 -15.25 -6.54
N PHE B 151 -12.41 -14.36 -7.51
CA PHE B 151 -12.29 -14.69 -8.92
C PHE B 151 -11.05 -14.07 -9.53
N CYS B 152 -10.77 -14.38 -10.79
CA CYS B 152 -9.56 -13.90 -11.44
C CYS B 152 -9.73 -13.81 -12.94
N VAL B 153 -8.84 -13.06 -13.58
CA VAL B 153 -8.90 -12.84 -15.01
C VAL B 153 -7.55 -12.29 -15.48
N ASP B 154 -7.22 -12.53 -16.73
CA ASP B 154 -5.94 -12.11 -17.30
C ASP B 154 -6.13 -10.83 -18.09
N SER B 155 -5.37 -9.79 -17.76
CA SER B 155 -5.50 -8.50 -18.44
C SER B 155 -5.01 -8.53 -19.90
N ILE B 156 -4.12 -9.46 -20.24
CA ILE B 156 -3.71 -9.59 -21.64
C ILE B 156 -4.91 -9.93 -22.52
N ALA B 157 -5.65 -10.97 -22.15
CA ALA B 157 -6.84 -11.32 -22.91
C ALA B 157 -7.76 -10.11 -23.00
N ALA B 158 -7.92 -9.42 -21.87
CA ALA B 158 -8.86 -8.32 -21.79
C ALA B 158 -8.51 -7.21 -22.77
N LEU B 159 -7.22 -6.88 -22.86
CA LEU B 159 -6.79 -5.76 -23.69
C LEU B 159 -6.68 -6.13 -25.17
N LYS B 160 -6.45 -7.42 -25.47
CA LYS B 160 -6.54 -7.87 -26.85
C LYS B 160 -7.93 -7.57 -27.37
N ALA B 161 -8.95 -7.90 -26.56
CA ALA B 161 -10.34 -7.66 -26.96
C ALA B 161 -10.64 -6.16 -27.08
N LEU B 162 -10.20 -5.38 -26.11
CA LEU B 162 -10.46 -3.95 -26.13
C LEU B 162 -9.81 -3.33 -27.35
N GLU B 163 -8.53 -3.61 -27.54
CA GLU B 163 -7.75 -3.00 -28.60
C GLU B 163 -8.25 -3.43 -29.98
N GLN B 164 -9.03 -4.50 -30.01
CA GLN B 164 -9.62 -4.98 -31.26
C GLN B 164 -10.68 -3.99 -31.75
N ALA B 165 -11.10 -3.07 -30.87
CA ALA B 165 -12.08 -2.06 -31.25
C ALA B 165 -11.40 -0.74 -31.64
N ARG B 174 -0.31 -8.70 -34.80
CA ARG B 174 1.14 -8.72 -34.75
C ARG B 174 1.68 -7.90 -33.57
N LYS B 175 0.78 -7.19 -32.87
CA LYS B 175 1.17 -6.36 -31.73
C LYS B 175 1.69 -7.19 -30.55
N SER B 176 2.61 -6.62 -29.78
CA SER B 176 2.98 -7.22 -28.50
C SER B 176 1.97 -6.85 -27.43
N TYR B 177 1.71 -7.78 -26.52
CA TYR B 177 0.79 -7.53 -25.41
C TYR B 177 1.45 -7.64 -24.06
N SER B 178 2.76 -7.43 -24.00
CA SER B 178 3.44 -7.31 -22.72
C SER B 178 2.97 -6.02 -22.06
N LEU B 179 3.22 -5.86 -20.76
CA LEU B 179 2.72 -4.70 -20.01
C LEU B 179 3.18 -3.38 -20.62
N GLY B 180 4.49 -3.24 -20.80
CA GLY B 180 5.05 -2.02 -21.36
C GLY B 180 4.69 -1.75 -22.82
N SER B 181 4.61 -2.79 -23.64
CA SER B 181 4.27 -2.58 -25.05
C SER B 181 2.92 -1.88 -25.15
N ILE B 182 1.95 -2.40 -24.40
CA ILE B 182 0.61 -1.86 -24.36
C ILE B 182 0.59 -0.43 -23.81
N TYR B 183 1.13 -0.26 -22.62
CA TYR B 183 1.16 1.05 -21.97
C TYR B 183 1.76 2.12 -22.89
N THR B 184 2.95 1.87 -23.42
CA THR B 184 3.57 2.86 -24.30
C THR B 184 2.68 3.12 -25.52
N ARG B 185 2.09 2.05 -26.07
CA ARG B 185 1.25 2.19 -27.25
C ARG B 185 0.06 3.10 -26.98
N LEU B 186 -0.57 2.93 -25.82
CA LEU B 186 -1.78 3.69 -25.49
C LEU B 186 -1.44 5.14 -25.19
N TYR B 187 -0.39 5.35 -24.40
CA TYR B 187 -0.12 6.66 -23.83
C TYR B 187 1.17 7.30 -24.36
N TRP B 188 1.86 6.57 -25.23
CA TRP B 188 3.13 7.04 -25.81
C TRP B 188 4.14 7.44 -24.75
N GLN B 189 3.96 6.93 -23.54
CA GLN B 189 4.93 7.17 -22.47
C GLN B 189 5.45 5.84 -21.98
N ALA B 190 6.71 5.81 -21.60
CA ALA B 190 7.26 4.63 -20.95
C ALA B 190 6.68 4.53 -19.54
N PRO B 191 6.46 3.31 -19.06
CA PRO B 191 5.88 3.15 -17.72
C PRO B 191 6.80 3.74 -16.65
N THR B 192 6.24 4.13 -15.52
CA THR B 192 7.01 4.85 -14.50
C THR B 192 8.00 3.96 -13.78
N ASP B 193 7.55 2.82 -13.28
CA ASP B 193 8.40 1.95 -12.48
C ASP B 193 8.16 0.48 -12.86
N SER B 194 9.13 -0.10 -13.57
CA SER B 194 9.01 -1.46 -14.06
C SER B 194 9.77 -2.47 -13.18
N HIS B 195 10.12 -2.08 -11.97
CA HIS B 195 11.04 -2.87 -11.15
C HIS B 195 10.46 -3.27 -9.78
N THR B 196 9.23 -2.85 -9.49
CA THR B 196 8.61 -3.23 -8.24
C THR B 196 7.22 -3.76 -8.50
N ALA B 197 6.74 -4.60 -7.60
CA ALA B 197 5.39 -5.12 -7.70
C ALA B 197 4.40 -3.97 -7.83
N GLU B 198 4.58 -2.93 -7.00
CA GLU B 198 3.65 -1.80 -7.02
C GLU B 198 3.72 -1.02 -8.34
N GLY B 199 4.94 -0.79 -8.82
CA GLY B 199 5.09 -0.18 -10.13
C GLY B 199 4.26 -0.90 -11.19
N ASN B 200 4.44 -2.23 -11.28
CA ASN B 200 3.73 -3.03 -12.29
C ASN B 200 2.22 -2.99 -12.13
N VAL B 201 1.74 -2.96 -10.88
CA VAL B 201 0.31 -2.84 -10.65
C VAL B 201 -0.21 -1.48 -11.13
N LEU B 202 0.56 -0.43 -10.88
CA LEU B 202 0.13 0.90 -11.27
C LEU B 202 0.08 1.00 -12.81
N THR B 203 1.09 0.47 -13.50
CA THR B 203 1.06 0.41 -14.96
C THR B 203 -0.16 -0.42 -15.41
N LEU B 204 -0.34 -1.60 -14.81
CA LEU B 204 -1.52 -2.40 -15.10
C LEU B 204 -2.78 -1.56 -14.94
N LEU B 205 -2.90 -0.84 -13.83
CA LEU B 205 -4.11 -0.07 -13.56
C LEU B 205 -4.40 0.93 -14.69
N SER B 206 -3.36 1.58 -15.18
CA SER B 206 -3.51 2.60 -16.21
C SER B 206 -4.02 2.05 -17.55
N ILE B 207 -3.55 0.87 -17.96
CA ILE B 207 -4.04 0.30 -19.22
C ILE B 207 -5.50 -0.12 -19.06
N CYS B 208 -5.87 -0.52 -17.86
CA CYS B 208 -7.24 -0.94 -17.58
C CYS B 208 -8.18 0.25 -17.46
N GLN B 209 -7.63 1.45 -17.29
CA GLN B 209 -8.44 2.67 -17.23
C GLN B 209 -8.61 3.31 -18.60
N TRP B 210 -7.90 2.78 -19.60
CA TRP B 210 -8.04 3.23 -20.98
C TRP B 210 -9.50 3.24 -21.42
N LYS B 211 -10.17 2.10 -21.30
CA LYS B 211 -11.60 1.96 -21.56
C LYS B 211 -12.26 1.31 -20.36
N PRO B 212 -12.58 2.11 -19.33
CA PRO B 212 -13.05 1.57 -18.05
C PRO B 212 -14.35 0.79 -18.21
N GLN B 213 -15.25 1.37 -19.00
CA GLN B 213 -16.57 0.80 -19.23
C GLN B 213 -16.46 -0.57 -19.92
N ALA B 214 -15.76 -0.58 -21.05
CA ALA B 214 -15.62 -1.79 -21.85
C ALA B 214 -14.92 -2.89 -21.07
N LEU B 215 -13.92 -2.50 -20.28
CA LEU B 215 -13.09 -3.49 -19.59
C LEU B 215 -13.82 -4.21 -18.46
N LEU B 216 -14.62 -3.48 -17.72
CA LEU B 216 -15.33 -4.06 -16.60
C LEU B 216 -16.39 -5.01 -17.16
N GLN B 217 -16.96 -4.64 -18.29
CA GLN B 217 -17.87 -5.52 -19.02
C GLN B 217 -17.12 -6.81 -19.36
N TRP B 218 -15.93 -6.66 -19.93
CA TRP B 218 -15.14 -7.83 -20.30
C TRP B 218 -14.80 -8.67 -19.07
N VAL B 219 -14.41 -8.00 -17.98
CA VAL B 219 -14.03 -8.69 -16.76
C VAL B 219 -15.21 -9.51 -16.21
N ASP B 220 -16.41 -9.00 -16.42
CA ASP B 220 -17.60 -9.60 -15.85
C ASP B 220 -17.96 -10.88 -16.59
N GLU B 221 -17.70 -10.89 -17.89
CA GLU B 221 -17.97 -12.06 -18.71
C GLU B 221 -16.95 -13.16 -18.48
N HIS B 222 -15.71 -12.79 -18.14
CA HIS B 222 -14.61 -13.75 -18.15
C HIS B 222 -14.08 -14.13 -16.77
N ALA B 223 -14.56 -13.43 -15.75
CA ALA B 223 -14.29 -13.78 -14.37
C ALA B 223 -14.40 -15.29 -14.13
N ARG B 224 -13.40 -15.85 -13.47
CA ARG B 224 -13.33 -17.28 -13.25
C ARG B 224 -12.86 -17.60 -11.83
N PRO B 225 -13.43 -18.66 -11.23
CA PRO B 225 -13.10 -18.93 -9.82
C PRO B 225 -11.61 -19.20 -9.62
N PHE B 226 -11.01 -18.62 -8.60
CA PHE B 226 -9.59 -18.82 -8.33
C PHE B 226 -9.32 -20.21 -7.72
N SER B 227 -10.29 -20.77 -7.03
CA SER B 227 -10.19 -22.12 -6.47
C SER B 227 -9.73 -23.17 -7.50
N THR B 228 -10.26 -23.03 -8.70
CA THR B 228 -9.91 -23.88 -9.81
C THR B 228 -8.51 -23.72 -10.37
N VAL B 229 -8.04 -22.48 -10.41
CA VAL B 229 -6.75 -22.16 -10.96
C VAL B 229 -5.86 -23.17 -10.36
N LYS B 230 -5.10 -23.84 -11.19
CA LYS B 230 -4.24 -24.85 -10.61
C LYS B 230 -2.85 -24.29 -10.40
N PRO B 231 -2.14 -24.88 -9.45
CA PRO B 231 -0.80 -24.53 -9.00
C PRO B 231 0.15 -24.49 -10.17
N MET B 232 1.10 -23.57 -10.11
CA MET B 232 2.17 -23.59 -11.10
C MET B 232 2.88 -24.94 -10.99
N TYR B 233 3.03 -25.43 -9.76
CA TYR B 233 3.91 -26.56 -9.55
C TYR B 233 3.83 -27.14 -8.14
N GLY B 234 4.26 -28.39 -8.01
CA GLY B 234 4.27 -29.08 -6.73
C GLY B 234 3.25 -30.21 -6.69
C1 BU1 E . 3.06 10.64 -3.97
C2 BU1 E . 1.94 9.80 -3.38
C3 BU1 E . 0.73 9.65 -4.28
C4 BU1 E . 0.10 8.27 -4.13
O5 BU1 E . 4.10 10.81 -3.00
O6 BU1 E . -1.13 8.19 -4.88
H11 BU1 E . 2.68 11.63 -4.27
H12 BU1 E . 3.47 10.16 -4.86
H21 BU1 E . 2.32 8.81 -3.14
H22 BU1 E . 1.61 10.25 -2.43
H31 BU1 E . -0.02 10.42 -4.03
H32 BU1 E . 1.03 9.81 -5.32
H41 BU1 E . 0.80 7.51 -4.49
H42 BU1 E . -0.10 8.06 -3.08
HO5 BU1 E . 4.85 11.28 -3.41
HO6 BU1 E . -1.47 7.28 -4.85
C1 BU1 F . 6.09 2.22 -6.47
C2 BU1 F . 7.51 2.06 -5.94
C3 BU1 F . 7.56 1.02 -4.81
C4 BU1 F . 7.99 1.61 -3.48
O5 BU1 F . 6.10 2.71 -7.82
O6 BU1 F . 9.27 1.11 -3.07
H11 BU1 F . 5.54 2.91 -5.84
H12 BU1 F . 5.58 1.25 -6.44
H21 BU1 F . 8.18 1.75 -6.75
H22 BU1 F . 7.87 3.01 -5.55
H31 BU1 F . 6.58 0.56 -4.71
H32 BU1 F . 8.26 0.22 -5.10
H41 BU1 F . 8.04 2.71 -3.57
H42 BU1 F . 7.24 1.37 -2.72
HO5 BU1 F . 5.19 2.73 -8.16
HO6 BU1 F . 9.55 1.56 -2.26
MG MG G . -0.70 14.26 8.58
MG MG H . 3.95 -9.23 -13.60
#